data_3U9R
#
_entry.id   3U9R
#
_cell.length_a   192.400
_cell.length_b   192.400
_cell.length_c   136.760
_cell.angle_alpha   90.00
_cell.angle_beta   90.00
_cell.angle_gamma   120.00
#
_symmetry.space_group_name_H-M   'H 3 2'
#
loop_
_entity.id
_entity.type
_entity.pdbx_description
1 polymer 'Methylcrotonyl-CoA carboxylase, beta-subunit'
2 non-polymer 'PENTAETHYLENE GLYCOL'
3 non-polymer 'SULFATE ION'
4 water water
#
_entity_poly.entity_id   1
_entity_poly.type   'polypeptide(L)'
_entity_poly.pdbx_seq_one_letter_code
;MGSSHHHHHHSSGLVPRGSHMAILHTQINPRSAEFAANAATMLEQVNALRTLLGRIHEGGGSAAQARHSARGKLLVRERI
NRLLDPGSPFLELSALAAHEVYGEEVAAAGIVAGIGRVEGVECMIVGNDATVKGGTYYPLTVKKHLRAQAIALENRLPCI
YLVDSGGANLPRQDEVFPDREHFGRIFFNQANMSARGIPQIAVVMGSCTAGGAYVPAMSDETVMVREQATIFLAGPPLVK
AATGEVVSAEELGGADVHCKVSGVADHYAEDDDHALAIARRCVANLNWRKQGQLQCRAPRAPLYPAEELYGVIPADSKQP
YDVREVIARLVDGSEFDEFKALFGTTLVCGFAHLHGYPIAILANNGILFAEAAQKGAHFIELACQRGIPLLFLQNITGFM
VGQKYEAGGIAKHGAKLVTAVACARVPKFTVLIGGSFGAGNYGMCGRAYDPRFLWMWPNARIGVMGGEQAAGVLAQVKRE
QAERAGQQLGVEEEAKIKAPILEQYEHQGHPYYSSARLWDDGVIDPAQTREVLALALSAALNAPIEPTAFGVFRM
;
_entity_poly.pdbx_strand_id   B
#
# COMPACT_ATOMS: atom_id res chain seq x y z
N HIS A 20 9.42 -0.79 -32.86
CA HIS A 20 8.48 0.16 -33.55
C HIS A 20 7.10 -0.44 -33.90
N MET A 21 7.08 -1.70 -34.32
CA MET A 21 5.83 -2.33 -34.67
C MET A 21 4.97 -2.52 -33.42
N ALA A 22 5.63 -2.58 -32.28
CA ALA A 22 4.91 -2.72 -31.02
C ALA A 22 4.42 -1.40 -30.46
N ILE A 23 4.57 -0.30 -31.20
CA ILE A 23 4.15 0.99 -30.62
C ILE A 23 2.66 1.21 -30.59
N LEU A 24 2.16 1.67 -29.43
CA LEU A 24 0.74 1.97 -29.30
C LEU A 24 0.51 3.41 -29.84
N HIS A 25 -0.28 3.53 -30.90
CA HIS A 25 -0.63 4.84 -31.48
C HIS A 25 -1.93 5.28 -30.86
N THR A 26 -1.90 6.42 -30.18
CA THR A 26 -3.07 6.88 -29.47
C THR A 26 -4.19 7.37 -30.37
N GLN A 27 -5.41 7.20 -29.89
CA GLN A 27 -6.58 7.65 -30.61
C GLN A 27 -7.21 8.74 -29.75
N ILE A 28 -6.47 9.23 -28.76
CA ILE A 28 -6.93 10.28 -27.86
C ILE A 28 -6.44 11.66 -28.28
N ASN A 29 -7.33 12.64 -28.14
CA ASN A 29 -7.04 14.02 -28.52
C ASN A 29 -7.11 14.88 -27.27
N PRO A 30 -5.96 15.29 -26.73
CA PRO A 30 -5.81 16.12 -25.53
C PRO A 30 -6.54 17.44 -25.63
N ARG A 31 -6.99 17.75 -26.84
CA ARG A 31 -7.69 19.01 -27.03
C ARG A 31 -9.19 18.86 -27.21
N SER A 32 -9.69 17.63 -27.19
CA SER A 32 -11.12 17.42 -27.38
C SER A 32 -11.96 17.81 -26.15
N ALA A 33 -13.24 18.00 -26.39
CA ALA A 33 -14.13 18.35 -25.30
C ALA A 33 -14.26 17.17 -24.34
N GLU A 34 -14.31 15.96 -24.88
CA GLU A 34 -14.44 14.77 -24.03
C GLU A 34 -13.21 14.66 -23.12
N PHE A 35 -12.02 14.81 -23.70
CA PHE A 35 -10.80 14.74 -22.89
C PHE A 35 -10.82 15.79 -21.78
N ALA A 36 -11.25 17.01 -22.10
CA ALA A 36 -11.28 18.07 -21.08
C ALA A 36 -12.27 17.73 -19.96
N ALA A 37 -13.41 17.12 -20.31
CA ALA A 37 -14.40 16.77 -19.28
C ALA A 37 -13.82 15.70 -18.37
N ASN A 38 -13.17 14.72 -18.98
CA ASN A 38 -12.56 13.62 -18.21
C ASN A 38 -11.51 14.22 -17.28
N ALA A 39 -10.67 15.10 -17.81
CA ALA A 39 -9.61 15.71 -17.01
C ALA A 39 -10.18 16.52 -15.86
N ALA A 40 -11.28 17.24 -16.10
CA ALA A 40 -11.86 18.02 -15.02
C ALA A 40 -12.30 17.15 -13.84
N THR A 41 -12.98 16.05 -14.15
CA THR A 41 -13.48 15.10 -13.15
C THR A 41 -12.27 14.48 -12.41
N MET A 42 -11.26 14.07 -13.15
CA MET A 42 -10.10 13.46 -12.47
C MET A 42 -9.32 14.47 -11.64
N LEU A 43 -9.05 15.65 -12.19
CA LEU A 43 -8.29 16.64 -11.45
C LEU A 43 -8.99 17.15 -10.18
N GLU A 44 -10.32 17.17 -10.17
CA GLU A 44 -11.02 17.55 -8.94
C GLU A 44 -10.57 16.57 -7.81
N GLN A 45 -10.50 15.30 -8.14
CA GLN A 45 -10.06 14.28 -7.15
C GLN A 45 -8.58 14.35 -6.86
N VAL A 46 -7.75 14.57 -7.88
CA VAL A 46 -6.31 14.67 -7.67
C VAL A 46 -5.98 15.91 -6.82
N ASN A 47 -6.65 17.04 -7.11
CA ASN A 47 -6.40 18.23 -6.32
C ASN A 47 -6.78 18.01 -4.86
N ALA A 48 -7.90 17.31 -4.62
CA ALA A 48 -8.34 17.05 -3.24
C ALA A 48 -7.31 16.16 -2.54
N LEU A 49 -6.80 15.16 -3.26
CA LEU A 49 -5.79 14.27 -2.67
C LEU A 49 -4.52 15.07 -2.28
N ARG A 50 -4.04 15.93 -3.15
CA ARG A 50 -2.83 16.69 -2.84
C ARG A 50 -3.03 17.56 -1.60
N THR A 51 -4.19 18.20 -1.51
CA THR A 51 -4.48 19.04 -0.36
C THR A 51 -4.52 18.22 0.93
N LEU A 52 -5.15 17.05 0.86
CA LEU A 52 -5.25 16.19 2.05
C LEU A 52 -3.86 15.69 2.46
N LEU A 53 -3.04 15.29 1.49
CA LEU A 53 -1.68 14.84 1.84
C LEU A 53 -0.89 15.99 2.46
N GLY A 54 -1.11 17.22 1.97
CA GLY A 54 -0.41 18.36 2.55
C GLY A 54 -0.79 18.54 4.02
N ARG A 55 -2.06 18.36 4.35
CA ARG A 55 -2.51 18.45 5.73
C ARG A 55 -1.91 17.31 6.58
N ILE A 56 -1.93 16.10 6.03
CA ILE A 56 -1.37 14.97 6.79
C ILE A 56 0.12 15.16 7.10
N HIS A 57 0.84 15.81 6.21
CA HIS A 57 2.27 16.08 6.36
C HIS A 57 2.55 16.86 7.65
N GLU A 58 1.55 17.64 8.11
CA GLU A 58 1.68 18.42 9.34
C GLU A 58 1.50 17.64 10.64
N GLY A 59 1.31 16.32 10.55
CA GLY A 59 1.18 15.52 11.76
C GLY A 59 0.10 15.95 12.74
N GLY A 60 0.50 16.16 14.00
CA GLY A 60 -0.45 16.56 15.00
C GLY A 60 -0.82 18.05 14.92
N GLY A 61 -0.29 18.74 13.91
CA GLY A 61 -0.61 20.16 13.72
C GLY A 61 0.47 21.12 14.18
N SER A 62 0.28 22.40 13.87
CA SER A 62 1.25 23.44 14.22
C SER A 62 1.72 23.48 15.68
N ALA A 63 0.77 23.51 16.61
CA ALA A 63 1.13 23.57 18.04
C ALA A 63 1.90 22.33 18.50
N ALA A 64 1.47 21.16 18.03
CA ALA A 64 2.13 19.92 18.43
C ALA A 64 3.52 19.84 17.85
N GLN A 65 3.67 20.26 16.59
CA GLN A 65 4.98 20.23 15.95
C GLN A 65 5.90 21.21 16.65
N ALA A 66 5.34 22.31 17.14
CA ALA A 66 6.14 23.29 17.86
C ALA A 66 6.62 22.78 19.22
N ARG A 67 5.76 22.05 19.94
CA ARG A 67 6.14 21.49 21.23
C ARG A 67 7.28 20.47 21.02
N HIS A 68 7.18 19.71 19.94
CA HIS A 68 8.20 18.69 19.62
C HIS A 68 9.55 19.37 19.34
N SER A 69 9.56 20.38 18.48
CA SER A 69 10.79 21.09 18.13
C SER A 69 11.38 21.79 19.36
N ALA A 70 10.53 22.27 20.27
CA ALA A 70 11.01 22.94 21.48
C ALA A 70 11.70 21.97 22.43
N ARG A 71 11.52 20.67 22.22
CA ARG A 71 12.15 19.67 23.07
C ARG A 71 13.54 19.36 22.47
N GLY A 72 13.86 20.03 21.37
CA GLY A 72 15.12 19.82 20.70
C GLY A 72 15.10 18.56 19.81
N LYS A 73 13.90 18.15 19.40
CA LYS A 73 13.71 16.97 18.56
C LYS A 73 13.40 17.34 17.11
N LEU A 74 13.91 16.56 16.14
CA LEU A 74 13.57 16.80 14.74
C LEU A 74 12.22 16.11 14.49
N LEU A 75 11.36 16.71 13.66
CA LEU A 75 10.07 16.08 13.31
C LEU A 75 10.37 14.79 12.52
N VAL A 76 9.45 13.83 12.55
CA VAL A 76 9.72 12.55 11.86
C VAL A 76 10.03 12.69 10.37
N ARG A 77 9.32 13.56 9.64
CA ARG A 77 9.65 13.67 8.23
C ARG A 77 11.02 14.31 8.00
N GLU A 78 11.45 15.19 8.91
CA GLU A 78 12.80 15.77 8.78
C GLU A 78 13.85 14.70 9.12
N ARG A 79 13.52 13.82 10.07
CA ARG A 79 14.46 12.72 10.42
C ARG A 79 14.63 11.82 9.19
N ILE A 80 13.52 11.50 8.51
CA ILE A 80 13.65 10.65 7.32
C ILE A 80 14.44 11.37 6.24
N ASN A 81 14.16 12.66 6.03
CA ASN A 81 14.91 13.42 5.04
C ASN A 81 16.42 13.39 5.30
N ARG A 82 16.85 13.48 6.56
CA ARG A 82 18.29 13.46 6.87
C ARG A 82 18.89 12.07 6.85
N LEU A 83 18.07 11.04 7.06
CA LEU A 83 18.52 9.67 7.03
C LEU A 83 18.79 9.22 5.58
N LEU A 84 17.94 9.66 4.65
CA LEU A 84 18.06 9.28 3.24
C LEU A 84 19.23 9.92 2.52
N ASP A 85 19.75 9.21 1.53
CA ASP A 85 20.80 9.80 0.71
C ASP A 85 20.24 11.07 0.07
N PRO A 86 21.08 12.11 -0.06
CA PRO A 86 20.63 13.37 -0.67
C PRO A 86 19.99 13.10 -2.04
N GLY A 87 18.80 13.64 -2.26
CA GLY A 87 18.11 13.46 -3.53
C GLY A 87 17.39 12.13 -3.68
N SER A 88 17.45 11.28 -2.66
CA SER A 88 16.78 9.98 -2.81
C SER A 88 15.28 10.06 -2.90
N PRO A 89 14.68 9.30 -3.85
CA PRO A 89 13.22 9.28 -3.94
C PRO A 89 12.78 8.54 -2.65
N PHE A 90 11.55 8.76 -2.23
CA PHE A 90 11.00 8.08 -1.05
C PHE A 90 9.59 7.59 -1.41
N LEU A 91 9.38 6.26 -1.41
CA LEU A 91 8.09 5.70 -1.71
C LEU A 91 7.35 5.60 -0.39
N GLU A 92 6.48 6.57 -0.11
CA GLU A 92 5.76 6.59 1.16
C GLU A 92 4.56 5.65 1.10
N LEU A 93 4.38 4.91 2.19
CA LEU A 93 3.30 3.94 2.30
C LEU A 93 2.15 4.44 3.17
N SER A 94 0.93 4.31 2.66
CA SER A 94 -0.26 4.58 3.45
C SER A 94 -0.34 5.89 4.23
N ALA A 95 -0.08 6.99 3.53
CA ALA A 95 -0.18 8.30 4.21
C ALA A 95 -1.61 8.56 4.68
N LEU A 96 -2.61 7.96 4.02
CA LEU A 96 -4.02 8.20 4.43
C LEU A 96 -4.50 7.27 5.53
N ALA A 97 -3.59 6.46 6.09
CA ALA A 97 -3.99 5.53 7.15
C ALA A 97 -4.71 6.30 8.27
N ALA A 98 -5.78 5.67 8.76
CA ALA A 98 -6.62 6.19 9.85
C ALA A 98 -7.45 7.41 9.50
N HIS A 99 -7.47 7.83 8.24
CA HIS A 99 -8.28 9.01 7.87
C HIS A 99 -9.76 8.78 8.17
N GLU A 100 -10.34 9.67 9.01
CA GLU A 100 -11.75 9.61 9.39
C GLU A 100 -12.21 8.33 10.06
N VAL A 101 -11.28 7.64 10.73
CA VAL A 101 -11.63 6.41 11.40
C VAL A 101 -11.97 6.58 12.88
N TYR A 102 -11.16 7.38 13.58
CA TYR A 102 -11.32 7.53 15.02
C TYR A 102 -12.08 8.82 15.34
N GLY A 103 -12.32 9.10 16.60
CA GLY A 103 -13.08 10.32 16.84
C GLY A 103 -12.35 11.62 16.56
N GLU A 104 -11.06 11.51 16.28
CA GLU A 104 -10.20 12.67 16.09
C GLU A 104 -9.16 12.37 14.98
N GLU A 105 -8.46 13.39 14.51
CA GLU A 105 -7.44 13.17 13.48
C GLU A 105 -6.26 12.42 14.09
N VAL A 106 -5.76 11.41 13.35
CA VAL A 106 -4.59 10.62 13.76
C VAL A 106 -3.84 10.51 12.41
N ALA A 107 -3.15 11.59 12.06
CA ALA A 107 -2.50 11.72 10.75
C ALA A 107 -1.54 10.60 10.46
N ALA A 108 -1.79 9.93 9.31
CA ALA A 108 -0.95 8.80 8.83
C ALA A 108 -0.92 7.67 9.86
N ALA A 109 -1.94 7.61 10.73
CA ALA A 109 -2.03 6.64 11.83
C ALA A 109 -0.86 6.79 12.80
N GLY A 110 -0.20 7.95 12.76
CA GLY A 110 0.90 8.20 13.68
C GLY A 110 2.25 7.60 13.30
N ILE A 111 2.36 7.07 12.08
CA ILE A 111 3.64 6.51 11.61
C ILE A 111 3.87 6.94 10.20
N VAL A 112 5.10 7.35 9.89
CA VAL A 112 5.46 7.65 8.51
C VAL A 112 6.38 6.49 8.12
N ALA A 113 6.00 5.77 7.09
CA ALA A 113 6.77 4.61 6.62
C ALA A 113 6.97 4.67 5.12
N GLY A 114 8.09 4.11 4.66
CA GLY A 114 8.33 4.08 3.23
C GLY A 114 9.73 3.57 2.91
N ILE A 115 10.01 3.46 1.63
CA ILE A 115 11.28 2.92 1.15
C ILE A 115 12.12 3.97 0.49
N GLY A 116 13.38 4.07 0.90
CA GLY A 116 14.27 5.01 0.23
C GLY A 116 15.69 4.53 0.33
N ARG A 117 16.63 5.25 -0.28
CA ARG A 117 18.03 4.82 -0.28
C ARG A 117 18.80 5.40 0.87
N VAL A 118 19.56 4.53 1.57
CA VAL A 118 20.40 4.92 2.68
C VAL A 118 21.75 4.26 2.37
N GLU A 119 22.78 5.07 2.14
CA GLU A 119 24.09 4.56 1.75
C GLU A 119 23.96 3.59 0.55
N GLY A 120 23.07 3.98 -0.39
CA GLY A 120 22.83 3.21 -1.60
C GLY A 120 21.97 1.97 -1.47
N VAL A 121 21.52 1.67 -0.25
CA VAL A 121 20.72 0.45 0.01
C VAL A 121 19.25 0.82 0.17
N GLU A 122 18.36 0.10 -0.51
CA GLU A 122 16.93 0.36 -0.35
C GLU A 122 16.47 -0.21 0.98
N CYS A 123 16.09 0.68 1.89
CA CYS A 123 15.65 0.29 3.23
C CYS A 123 14.20 0.65 3.49
N MET A 124 13.56 -0.18 4.30
CA MET A 124 12.20 0.11 4.78
C MET A 124 12.39 0.94 6.06
N ILE A 125 11.83 2.15 6.07
CA ILE A 125 11.99 3.08 7.20
C ILE A 125 10.62 3.22 7.84
N VAL A 126 10.54 3.05 9.15
CA VAL A 126 9.25 3.14 9.87
C VAL A 126 9.51 4.09 11.03
N GLY A 127 8.87 5.26 10.99
CA GLY A 127 9.12 6.24 12.05
C GLY A 127 7.85 6.67 12.76
N ASN A 128 7.85 6.58 14.09
CA ASN A 128 6.68 7.06 14.86
C ASN A 128 6.65 8.58 14.84
N ASP A 129 5.43 9.13 14.76
CA ASP A 129 5.24 10.59 14.78
C ASP A 129 4.69 10.95 16.18
N ALA A 130 5.61 11.39 17.05
CA ALA A 130 5.22 11.72 18.41
C ALA A 130 4.34 12.96 18.49
N THR A 131 4.17 13.69 17.38
CA THR A 131 3.25 14.86 17.41
C THR A 131 1.79 14.40 17.22
N VAL A 132 1.58 13.14 16.86
CA VAL A 132 0.24 12.60 16.67
C VAL A 132 -0.13 11.74 17.88
N LYS A 133 -0.93 12.31 18.77
CA LYS A 133 -1.35 11.60 19.97
C LYS A 133 -0.16 10.98 20.74
N GLY A 134 0.94 11.74 20.86
CA GLY A 134 2.12 11.28 21.57
C GLY A 134 2.78 10.06 20.96
N GLY A 135 2.45 9.79 19.70
CA GLY A 135 3.03 8.61 19.05
C GLY A 135 2.38 7.31 19.48
N THR A 136 1.25 7.39 20.15
CA THR A 136 0.63 6.16 20.60
C THR A 136 0.07 5.30 19.47
N TYR A 137 0.08 4.00 19.72
CA TYR A 137 -0.41 3.03 18.76
C TYR A 137 -1.90 2.77 18.82
N TYR A 138 -2.60 3.25 17.80
CA TYR A 138 -4.00 2.95 17.58
C TYR A 138 -4.01 1.60 16.81
N PRO A 139 -5.17 0.97 16.66
CA PRO A 139 -5.23 -0.31 15.93
C PRO A 139 -4.62 -0.21 14.53
N LEU A 140 -4.93 0.88 13.80
CA LEU A 140 -4.37 1.02 12.46
C LEU A 140 -2.88 1.35 12.47
N THR A 141 -2.36 1.92 13.58
CA THR A 141 -0.89 2.17 13.70
C THR A 141 -0.21 0.80 13.70
N VAL A 142 -0.75 -0.13 14.47
CA VAL A 142 -0.17 -1.50 14.47
C VAL A 142 -0.25 -2.10 13.06
N LYS A 143 -1.41 -2.00 12.42
CA LYS A 143 -1.56 -2.57 11.07
C LYS A 143 -0.54 -1.99 10.10
N LYS A 144 -0.29 -0.69 10.22
CA LYS A 144 0.65 -0.04 9.32
C LYS A 144 2.10 -0.48 9.59
N HIS A 145 2.47 -0.58 10.86
CA HIS A 145 3.83 -1.04 11.23
C HIS A 145 4.01 -2.48 10.68
N LEU A 146 2.98 -3.32 10.87
CA LEU A 146 3.07 -4.70 10.36
C LEU A 146 3.11 -4.76 8.84
N ARG A 147 2.37 -3.90 8.15
CA ARG A 147 2.41 -3.94 6.69
C ARG A 147 3.80 -3.54 6.16
N ALA A 148 4.42 -2.57 6.81
CA ALA A 148 5.75 -2.16 6.39
C ALA A 148 6.72 -3.35 6.57
N GLN A 149 6.57 -4.08 7.67
CA GLN A 149 7.43 -5.25 7.90
C GLN A 149 7.14 -6.38 6.90
N ALA A 150 5.88 -6.54 6.49
CA ALA A 150 5.56 -7.58 5.49
C ALA A 150 6.26 -7.23 4.16
N ILE A 151 6.22 -5.96 3.78
CA ILE A 151 6.87 -5.51 2.55
C ILE A 151 8.39 -5.72 2.67
N ALA A 152 8.96 -5.42 3.84
CA ALA A 152 10.41 -5.63 4.02
C ALA A 152 10.76 -7.12 3.93
N LEU A 153 9.94 -7.99 4.51
CA LEU A 153 10.22 -9.43 4.44
C LEU A 153 10.10 -9.95 3.01
N GLU A 154 9.01 -9.58 2.35
CA GLU A 154 8.75 -10.08 0.98
C GLU A 154 9.72 -9.58 -0.07
N ASN A 155 10.30 -8.40 0.15
CA ASN A 155 11.24 -7.82 -0.82
C ASN A 155 12.68 -7.79 -0.34
N ARG A 156 12.94 -8.34 0.84
CA ARG A 156 14.29 -8.40 1.42
C ARG A 156 14.90 -7.01 1.59
N LEU A 157 14.23 -6.20 2.41
CA LEU A 157 14.70 -4.82 2.66
C LEU A 157 15.14 -4.61 4.11
N PRO A 158 16.38 -4.17 4.32
CA PRO A 158 16.85 -3.89 5.69
C PRO A 158 15.86 -2.90 6.31
N CYS A 159 15.58 -3.05 7.59
CA CYS A 159 14.62 -2.20 8.29
C CYS A 159 15.27 -1.24 9.26
N ILE A 160 14.78 0.01 9.27
CA ILE A 160 15.28 1.04 10.18
C ILE A 160 14.03 1.59 10.90
N TYR A 161 13.96 1.38 12.20
CA TYR A 161 12.82 1.83 13.01
C TYR A 161 13.21 3.09 13.78
N LEU A 162 12.55 4.21 13.51
CA LEU A 162 12.85 5.47 14.22
C LEU A 162 11.77 5.56 15.32
N VAL A 163 12.13 5.05 16.49
CA VAL A 163 11.21 4.88 17.62
C VAL A 163 10.98 6.15 18.42
N ASP A 164 9.70 6.49 18.60
CA ASP A 164 9.32 7.72 19.36
C ASP A 164 7.82 7.56 19.68
N SER A 165 7.51 6.64 20.59
CA SER A 165 6.11 6.31 20.89
C SER A 165 5.77 6.30 22.38
N GLY A 166 4.69 6.98 22.74
CA GLY A 166 4.29 7.01 24.13
C GLY A 166 3.44 5.85 24.64
N GLY A 167 3.13 4.85 23.81
CA GLY A 167 2.33 3.74 24.29
C GLY A 167 1.23 3.26 23.33
N ALA A 168 0.16 2.72 23.92
CA ALA A 168 -0.99 2.18 23.16
C ALA A 168 -2.28 2.97 23.42
N ASN A 169 -3.22 2.85 22.48
CA ASN A 169 -4.55 3.50 22.61
C ASN A 169 -5.32 2.52 23.54
N LEU A 170 -5.25 2.75 24.85
CA LEU A 170 -5.85 1.82 25.79
C LEU A 170 -7.34 1.49 25.69
N PRO A 171 -8.19 2.48 25.36
CA PRO A 171 -9.63 2.17 25.24
C PRO A 171 -9.87 1.09 24.19
N ARG A 172 -8.91 0.95 23.26
CA ARG A 172 -9.00 -0.06 22.19
C ARG A 172 -7.89 -1.09 22.35
N GLN A 173 -7.49 -1.36 23.58
CA GLN A 173 -6.38 -2.31 23.79
C GLN A 173 -6.66 -3.70 23.20
N ASP A 174 -7.93 -4.10 23.15
CA ASP A 174 -8.32 -5.39 22.60
C ASP A 174 -8.12 -5.46 21.09
N GLU A 175 -7.91 -4.31 20.47
CA GLU A 175 -7.66 -4.24 19.01
C GLU A 175 -6.21 -3.88 18.72
N VAL A 176 -5.39 -3.82 19.76
CA VAL A 176 -3.98 -3.46 19.63
C VAL A 176 -3.04 -4.56 20.11
N PHE A 177 -3.48 -5.33 21.09
CA PHE A 177 -2.60 -6.29 21.77
C PHE A 177 -2.57 -7.81 21.66
N PRO A 178 -3.75 -8.46 21.70
CA PRO A 178 -3.75 -9.92 21.73
C PRO A 178 -3.60 -10.90 20.63
N ASP A 179 -4.07 -10.51 19.47
CA ASP A 179 -4.20 -11.45 18.35
C ASP A 179 -2.97 -11.56 17.48
N ARG A 180 -3.10 -12.41 16.48
CA ARG A 180 -1.97 -12.69 15.59
C ARG A 180 -1.44 -11.46 14.88
N GLU A 181 -2.35 -10.58 14.44
CA GLU A 181 -1.94 -9.37 13.73
C GLU A 181 -1.92 -8.15 14.63
N HIS A 182 -1.64 -8.38 15.91
CA HIS A 182 -1.55 -7.28 16.89
C HIS A 182 -0.10 -6.99 17.26
N PHE A 183 0.11 -6.19 18.30
CA PHE A 183 1.44 -5.69 18.59
C PHE A 183 2.56 -6.70 18.74
N GLY A 184 2.24 -7.86 19.32
CA GLY A 184 3.28 -8.88 19.49
C GLY A 184 3.87 -9.36 18.18
N ARG A 185 3.11 -9.25 17.10
CA ARG A 185 3.64 -9.71 15.80
C ARG A 185 4.84 -8.86 15.33
N ILE A 186 4.96 -7.62 15.82
CA ILE A 186 6.09 -6.78 15.43
C ILE A 186 7.41 -7.49 15.78
N PHE A 187 7.45 -8.11 16.96
CA PHE A 187 8.69 -8.78 17.43
C PHE A 187 8.89 -10.12 16.78
N PHE A 188 7.81 -10.86 16.55
CA PHE A 188 7.91 -12.09 15.79
C PHE A 188 8.55 -11.74 14.45
N ASN A 189 8.10 -10.64 13.84
CA ASN A 189 8.64 -10.22 12.52
C ASN A 189 10.11 -9.82 12.62
N GLN A 190 10.49 -9.04 13.63
CA GLN A 190 11.90 -8.65 13.76
C GLN A 190 12.80 -9.87 13.87
N ALA A 191 12.42 -10.81 14.74
CA ALA A 191 13.27 -11.98 14.95
C ALA A 191 13.37 -12.82 13.71
N ASN A 192 12.25 -13.02 13.01
CA ASN A 192 12.33 -13.89 11.83
C ASN A 192 13.06 -13.19 10.67
N MET A 193 12.95 -11.87 10.54
CA MET A 193 13.73 -11.18 9.51
C MET A 193 15.23 -11.28 9.85
N SER A 194 15.59 -11.08 11.13
CA SER A 194 17.00 -11.16 11.52
C SER A 194 17.55 -12.56 11.20
N ALA A 195 16.75 -13.59 11.46
CA ALA A 195 17.15 -14.98 11.18
C ALA A 195 17.36 -15.23 9.68
N ARG A 196 16.66 -14.47 8.84
CA ARG A 196 16.81 -14.60 7.39
C ARG A 196 17.89 -13.67 6.84
N GLY A 197 18.60 -12.97 7.71
CA GLY A 197 19.63 -12.05 7.26
C GLY A 197 19.15 -10.72 6.72
N ILE A 198 17.96 -10.28 7.17
CA ILE A 198 17.42 -8.96 6.75
C ILE A 198 17.65 -8.11 8.02
N PRO A 199 18.68 -7.25 8.01
CA PRO A 199 19.04 -6.42 9.18
C PRO A 199 17.94 -5.60 9.77
N GLN A 200 17.95 -5.59 11.10
CA GLN A 200 16.97 -4.86 11.90
C GLN A 200 17.71 -3.81 12.71
N ILE A 201 17.49 -2.53 12.37
CA ILE A 201 18.20 -1.41 13.06
C ILE A 201 17.17 -0.53 13.76
N ALA A 202 17.40 -0.21 15.03
CA ALA A 202 16.47 0.68 15.76
C ALA A 202 17.22 1.95 16.14
N VAL A 203 16.53 3.08 15.99
CA VAL A 203 17.10 4.38 16.40
C VAL A 203 16.06 4.91 17.38
N VAL A 204 16.37 4.87 18.69
CA VAL A 204 15.39 5.32 19.70
C VAL A 204 15.59 6.82 19.90
N MET A 205 14.51 7.56 19.66
CA MET A 205 14.58 9.03 19.67
C MET A 205 13.54 9.67 20.53
N GLY A 206 12.99 8.88 21.44
CA GLY A 206 11.98 9.37 22.36
C GLY A 206 11.61 8.24 23.29
N SER A 207 10.33 8.21 23.69
CA SER A 207 9.84 7.18 24.57
C SER A 207 9.73 5.82 23.90
N CYS A 208 9.89 4.79 24.72
CA CYS A 208 9.85 3.39 24.27
C CYS A 208 9.54 2.64 25.56
N THR A 209 8.29 2.24 25.74
CA THR A 209 7.85 1.66 27.00
C THR A 209 7.06 0.33 26.89
N ALA A 210 7.13 -0.47 27.96
CA ALA A 210 6.44 -1.75 28.03
C ALA A 210 6.85 -2.62 26.83
N GLY A 211 5.90 -3.27 26.18
CA GLY A 211 6.27 -4.10 25.03
C GLY A 211 7.03 -3.34 23.94
N GLY A 212 6.83 -2.01 23.89
CA GLY A 212 7.52 -1.21 22.90
C GLY A 212 9.05 -1.34 23.06
N ALA A 213 9.49 -1.71 24.26
CA ALA A 213 10.93 -1.87 24.53
C ALA A 213 11.55 -2.98 23.68
N TYR A 214 10.71 -3.88 23.17
CA TYR A 214 11.26 -4.95 22.35
C TYR A 214 11.62 -4.46 20.97
N VAL A 215 11.15 -3.27 20.53
CA VAL A 215 11.63 -2.80 19.21
C VAL A 215 13.17 -2.66 19.27
N PRO A 216 13.73 -1.85 20.21
CA PRO A 216 15.19 -1.79 20.23
C PRO A 216 15.83 -3.09 20.78
N ALA A 217 15.22 -3.72 21.78
CA ALA A 217 15.90 -4.89 22.35
C ALA A 217 16.02 -6.02 21.33
N MET A 218 15.01 -6.15 20.46
CA MET A 218 15.03 -7.18 19.43
C MET A 218 15.53 -6.71 18.06
N SER A 219 16.24 -5.58 18.05
CA SER A 219 16.88 -5.14 16.81
C SER A 219 18.35 -5.64 16.90
N ASP A 220 18.95 -5.82 15.74
CA ASP A 220 20.32 -6.28 15.66
C ASP A 220 21.29 -5.20 16.16
N GLU A 221 21.01 -3.93 15.83
CA GLU A 221 21.80 -2.79 16.31
C GLU A 221 20.81 -1.72 16.70
N THR A 222 21.12 -1.06 17.82
CA THR A 222 20.25 -0.05 18.40
C THR A 222 21.02 1.21 18.80
N VAL A 223 20.51 2.35 18.35
CA VAL A 223 21.11 3.68 18.62
C VAL A 223 20.14 4.39 19.59
N MET A 224 20.67 5.18 20.52
CA MET A 224 19.76 5.96 21.41
C MET A 224 20.28 7.39 21.51
N VAL A 225 19.37 8.36 21.49
CA VAL A 225 19.74 9.79 21.65
C VAL A 225 19.83 10.10 23.15
N ARG A 226 20.97 10.63 23.59
CA ARG A 226 21.15 10.93 25.01
C ARG A 226 20.21 12.04 25.52
N GLU A 227 19.91 11.96 26.82
CA GLU A 227 19.03 12.91 27.51
C GLU A 227 17.77 13.14 26.71
N GLN A 228 17.23 12.06 26.16
CA GLN A 228 16.05 12.20 25.32
C GLN A 228 15.35 10.85 25.18
N ALA A 229 16.07 9.87 24.65
CA ALA A 229 15.47 8.55 24.47
C ALA A 229 15.44 7.75 25.78
N THR A 230 14.37 6.99 26.01
CA THR A 230 14.33 6.11 27.16
C THR A 230 13.75 4.75 26.75
N ILE A 231 14.16 3.69 27.44
CA ILE A 231 13.65 2.34 27.16
C ILE A 231 13.41 1.63 28.49
N PHE A 232 12.20 1.13 28.70
CA PHE A 232 11.94 0.34 29.91
C PHE A 232 10.69 -0.49 29.79
N LEU A 233 10.72 -1.67 30.39
CA LEU A 233 9.54 -2.54 30.38
C LEU A 233 8.46 -1.94 31.29
N ALA A 234 8.86 -1.16 32.31
CA ALA A 234 7.89 -0.54 33.21
C ALA A 234 8.39 0.85 33.52
N GLY A 235 7.54 1.85 33.28
CA GLY A 235 7.92 3.24 33.49
C GLY A 235 7.83 3.71 34.94
N PRO A 236 8.25 4.96 35.20
CA PRO A 236 8.22 5.53 36.56
C PRO A 236 6.91 5.38 37.33
N PRO A 237 5.75 5.68 36.71
CA PRO A 237 4.49 5.54 37.46
C PRO A 237 4.27 4.11 37.97
N LEU A 238 4.54 3.12 37.11
CA LEU A 238 4.35 1.74 37.52
C LEU A 238 5.36 1.31 38.56
N VAL A 239 6.60 1.76 38.45
CA VAL A 239 7.60 1.41 39.47
C VAL A 239 7.18 1.99 40.84
N LYS A 240 6.67 3.23 40.83
CA LYS A 240 6.24 3.87 42.07
C LYS A 240 5.08 3.05 42.65
N ALA A 241 4.07 2.78 41.83
CA ALA A 241 2.92 2.01 42.29
C ALA A 241 3.24 0.63 42.86
N ALA A 242 4.18 -0.08 42.22
CA ALA A 242 4.53 -1.43 42.63
C ALA A 242 5.57 -1.57 43.75
N THR A 243 6.46 -0.60 43.87
CA THR A 243 7.52 -0.70 44.88
C THR A 243 7.71 0.55 45.71
N GLY A 244 7.01 1.62 45.35
CA GLY A 244 7.16 2.87 46.08
C GLY A 244 8.40 3.63 45.64
N GLU A 245 9.23 2.93 44.87
CA GLU A 245 10.48 3.50 44.34
C GLU A 245 10.15 4.69 43.44
N VAL A 246 10.83 5.82 43.67
CA VAL A 246 10.63 7.03 42.88
C VAL A 246 11.87 7.22 41.99
N VAL A 247 11.67 7.24 40.68
CA VAL A 247 12.81 7.37 39.76
C VAL A 247 12.36 8.12 38.51
N SER A 248 13.23 8.94 37.92
CA SER A 248 12.86 9.67 36.71
C SER A 248 13.02 8.73 35.52
N ALA A 249 12.42 9.08 34.40
CA ALA A 249 12.52 8.25 33.21
C ALA A 249 13.99 8.15 32.76
N GLU A 250 14.71 9.26 32.83
CA GLU A 250 16.12 9.24 32.44
C GLU A 250 16.96 8.34 33.33
N GLU A 251 16.71 8.36 34.63
CA GLU A 251 17.48 7.53 35.54
C GLU A 251 17.11 6.06 35.39
N LEU A 252 15.86 5.80 35.00
CA LEU A 252 15.36 4.45 34.85
C LEU A 252 15.83 3.75 33.58
N GLY A 253 15.81 4.47 32.47
CA GLY A 253 16.20 3.84 31.20
C GLY A 253 16.71 4.75 30.11
N GLY A 254 17.45 5.79 30.49
CA GLY A 254 17.99 6.70 29.50
C GLY A 254 19.20 6.11 28.75
N ALA A 255 19.76 6.89 27.83
CA ALA A 255 20.90 6.38 27.05
C ALA A 255 22.13 5.99 27.84
N ASP A 256 22.41 6.72 28.93
CA ASP A 256 23.57 6.37 29.72
C ASP A 256 23.37 5.00 30.32
N VAL A 257 22.19 4.72 30.86
CA VAL A 257 21.92 3.41 31.43
C VAL A 257 22.07 2.29 30.40
N HIS A 258 21.43 2.46 29.26
CA HIS A 258 21.44 1.36 28.29
C HIS A 258 22.66 1.21 27.39
N CYS A 259 23.38 2.29 27.14
CA CYS A 259 24.61 2.17 26.35
C CYS A 259 25.81 1.83 27.21
N LYS A 260 25.84 2.29 28.47
CA LYS A 260 27.00 2.03 29.31
C LYS A 260 26.87 0.86 30.26
N VAL A 261 25.66 0.60 30.73
CA VAL A 261 25.47 -0.41 31.74
C VAL A 261 24.76 -1.69 31.30
N SER A 262 23.55 -1.56 30.78
CA SER A 262 22.80 -2.76 30.42
C SER A 262 23.16 -3.37 29.08
N GLY A 263 23.56 -2.54 28.14
CA GLY A 263 23.84 -3.06 26.79
C GLY A 263 22.56 -3.30 25.99
N VAL A 264 21.43 -2.79 26.46
CA VAL A 264 20.19 -2.90 25.68
C VAL A 264 20.38 -2.09 24.37
N ALA A 265 21.23 -1.05 24.39
CA ALA A 265 21.56 -0.27 23.19
C ALA A 265 23.04 -0.42 22.85
N ASP A 266 23.39 -0.12 21.60
CA ASP A 266 24.75 -0.30 21.08
C ASP A 266 25.47 0.97 20.65
N HIS A 267 24.74 2.08 20.50
CA HIS A 267 25.34 3.31 19.98
C HIS A 267 24.72 4.50 20.70
N TYR A 268 25.59 5.37 21.21
CA TYR A 268 25.21 6.55 22.00
C TYR A 268 25.31 7.80 21.12
N ALA A 269 24.16 8.45 20.88
CA ALA A 269 24.10 9.63 20.00
C ALA A 269 23.90 10.92 20.78
N GLU A 270 24.56 11.97 20.31
CA GLU A 270 24.47 13.28 20.98
C GLU A 270 23.15 13.99 20.77
N ASP A 271 22.51 13.74 19.63
CA ASP A 271 21.24 14.37 19.29
C ASP A 271 20.63 13.63 18.10
N ASP A 272 19.45 14.03 17.67
CA ASP A 272 18.80 13.33 16.54
C ASP A 272 19.67 13.29 15.29
N ASP A 273 20.28 14.41 14.94
CA ASP A 273 21.12 14.45 13.75
C ASP A 273 22.25 13.41 13.83
N HIS A 274 22.90 13.33 14.99
CA HIS A 274 23.98 12.39 15.17
C HIS A 274 23.43 10.94 15.08
N ALA A 275 22.28 10.69 15.70
CA ALA A 275 21.69 9.34 15.68
C ALA A 275 21.44 8.87 14.26
N LEU A 276 20.94 9.78 13.39
CA LEU A 276 20.65 9.42 12.02
C LEU A 276 21.95 9.16 11.25
N ALA A 277 23.00 9.94 11.53
CA ALA A 277 24.29 9.71 10.91
C ALA A 277 24.84 8.35 11.34
N ILE A 278 24.64 7.96 12.59
CA ILE A 278 25.13 6.64 13.05
C ILE A 278 24.31 5.56 12.33
N ALA A 279 23.00 5.78 12.17
CA ALA A 279 22.19 4.77 11.46
C ALA A 279 22.71 4.58 10.03
N ARG A 280 23.13 5.67 9.36
CA ARG A 280 23.69 5.54 8.01
C ARG A 280 24.96 4.68 8.07
N ARG A 281 25.81 4.87 9.11
CA ARG A 281 27.03 4.07 9.25
C ARG A 281 26.61 2.60 9.44
N CYS A 282 25.55 2.34 10.20
CA CYS A 282 25.11 0.94 10.38
C CYS A 282 24.76 0.32 9.00
N VAL A 283 24.04 1.08 8.16
CA VAL A 283 23.68 0.54 6.84
C VAL A 283 24.91 0.36 5.93
N ALA A 284 25.88 1.26 6.05
CA ALA A 284 27.09 1.19 5.24
C ALA A 284 27.88 -0.10 5.50
N ASN A 285 27.68 -0.69 6.67
CA ASN A 285 28.40 -1.91 7.05
C ASN A 285 27.60 -3.19 7.00
N LEU A 286 26.51 -3.17 6.21
CA LEU A 286 25.69 -4.39 6.10
C LEU A 286 26.25 -5.39 5.07
N ASN A 287 27.22 -4.98 4.24
CA ASN A 287 27.80 -5.84 3.18
C ASN A 287 26.64 -6.30 2.28
N TRP A 288 25.77 -5.35 1.95
CA TRP A 288 24.54 -5.68 1.23
C TRP A 288 24.67 -5.95 -0.25
N ARG A 289 24.04 -7.04 -0.70
CA ARG A 289 24.00 -7.35 -2.13
C ARG A 289 22.56 -7.71 -2.52
N LYS A 290 22.04 -7.12 -3.61
CA LYS A 290 20.70 -7.44 -4.10
C LYS A 290 20.77 -8.81 -4.78
N GLN A 291 19.74 -9.62 -4.57
CA GLN A 291 19.71 -10.99 -5.10
C GLN A 291 18.83 -11.21 -6.33
N GLY A 292 18.02 -10.22 -6.69
CA GLY A 292 17.13 -10.41 -7.83
C GLY A 292 17.77 -10.03 -9.15
N GLN A 293 17.42 -10.78 -10.19
CA GLN A 293 17.99 -10.50 -11.50
C GLN A 293 16.94 -10.63 -12.60
N LEU A 294 16.92 -9.64 -13.48
CA LEU A 294 16.05 -9.61 -14.66
C LEU A 294 16.92 -9.14 -15.82
N GLN A 295 16.50 -9.47 -17.04
CA GLN A 295 17.22 -9.00 -18.21
C GLN A 295 16.60 -7.63 -18.55
N CYS A 296 17.32 -6.56 -18.24
CA CYS A 296 16.79 -5.23 -18.46
C CYS A 296 17.29 -4.58 -19.73
N ARG A 297 16.58 -3.55 -20.15
CA ARG A 297 16.94 -2.76 -21.33
C ARG A 297 17.23 -1.33 -20.87
N ALA A 298 17.82 -0.52 -21.74
CA ALA A 298 18.07 0.87 -21.38
C ALA A 298 16.67 1.49 -21.20
N PRO A 299 16.46 2.26 -20.14
CA PRO A 299 15.13 2.86 -19.95
C PRO A 299 14.81 3.85 -21.06
N ARG A 300 13.54 3.89 -21.45
CA ARG A 300 13.06 4.87 -22.43
C ARG A 300 11.74 5.40 -21.91
N ALA A 301 11.49 6.68 -22.12
CA ALA A 301 10.22 7.23 -21.66
C ALA A 301 9.07 6.83 -22.60
N PRO A 302 7.82 6.95 -22.11
CA PRO A 302 6.66 6.64 -22.96
C PRO A 302 6.66 7.78 -24.01
N LEU A 303 5.90 7.60 -25.06
CA LEU A 303 5.83 8.61 -26.14
C LEU A 303 4.83 9.71 -25.86
N TYR A 304 4.01 9.55 -24.83
CA TYR A 304 2.98 10.52 -24.49
C TYR A 304 3.13 10.95 -23.04
N PRO A 305 2.85 12.23 -22.74
CA PRO A 305 2.97 12.77 -21.38
C PRO A 305 2.10 12.04 -20.35
N ALA A 306 2.66 11.85 -19.17
CA ALA A 306 1.93 11.18 -18.09
C ALA A 306 0.66 11.94 -17.72
N GLU A 307 0.69 13.26 -17.81
CA GLU A 307 -0.51 14.00 -17.42
C GLU A 307 -1.68 13.77 -18.35
N GLU A 308 -1.44 13.20 -19.53
CA GLU A 308 -2.58 12.87 -20.36
C GLU A 308 -3.47 11.80 -19.73
N LEU A 309 -2.93 11.05 -18.77
CA LEU A 309 -3.75 10.06 -18.09
C LEU A 309 -4.97 10.71 -17.45
N TYR A 310 -4.87 12.01 -17.11
CA TYR A 310 -6.02 12.67 -16.49
C TYR A 310 -7.23 12.72 -17.41
N GLY A 311 -7.01 12.70 -18.71
CA GLY A 311 -8.13 12.76 -19.66
C GLY A 311 -8.48 11.43 -20.32
N VAL A 312 -7.73 10.38 -19.98
CA VAL A 312 -8.01 9.06 -20.55
C VAL A 312 -9.21 8.34 -19.94
N ILE A 313 -9.39 8.45 -18.60
CA ILE A 313 -10.50 7.76 -17.94
C ILE A 313 -11.80 8.55 -18.11
N PRO A 314 -12.83 7.93 -18.71
CA PRO A 314 -14.09 8.68 -18.87
C PRO A 314 -14.64 9.16 -17.53
N ALA A 315 -15.26 10.35 -17.54
CA ALA A 315 -15.86 10.90 -16.34
C ALA A 315 -16.91 9.93 -15.79
N ASP A 316 -17.62 9.23 -16.66
CA ASP A 316 -18.62 8.23 -16.26
C ASP A 316 -17.82 6.92 -16.02
N SER A 317 -17.77 6.48 -14.77
CA SER A 317 -17.02 5.26 -14.43
C SER A 317 -17.57 4.00 -15.09
N LYS A 318 -18.77 4.06 -15.65
CA LYS A 318 -19.31 2.87 -16.28
C LYS A 318 -19.08 2.86 -17.79
N GLN A 319 -18.48 3.92 -18.31
CA GLN A 319 -18.24 4.03 -19.75
C GLN A 319 -17.01 3.28 -20.21
N PRO A 320 -17.14 2.44 -21.24
CA PRO A 320 -15.97 1.70 -21.73
C PRO A 320 -14.97 2.62 -22.40
N TYR A 321 -13.69 2.24 -22.37
CA TYR A 321 -12.64 2.99 -23.05
C TYR A 321 -11.56 1.94 -23.34
N ASP A 322 -10.59 2.28 -24.19
CA ASP A 322 -9.51 1.35 -24.52
C ASP A 322 -8.38 1.47 -23.46
N VAL A 323 -8.25 0.43 -22.63
CA VAL A 323 -7.24 0.46 -21.55
C VAL A 323 -5.80 0.53 -22.12
N ARG A 324 -5.64 0.23 -23.41
CA ARG A 324 -4.31 0.37 -24.01
C ARG A 324 -3.85 1.84 -23.95
N GLU A 325 -4.81 2.78 -23.85
CA GLU A 325 -4.45 4.21 -23.73
C GLU A 325 -3.77 4.49 -22.39
N VAL A 326 -4.10 3.70 -21.37
CA VAL A 326 -3.41 3.83 -20.09
C VAL A 326 -2.01 3.21 -20.23
N ILE A 327 -1.94 2.00 -20.78
CA ILE A 327 -0.66 1.30 -20.95
C ILE A 327 0.32 2.16 -21.74
N ALA A 328 -0.17 2.81 -22.81
CA ALA A 328 0.68 3.62 -23.64
C ALA A 328 1.37 4.76 -22.90
N ARG A 329 0.75 5.22 -21.81
CA ARG A 329 1.35 6.33 -21.07
C ARG A 329 2.18 5.88 -19.87
N LEU A 330 2.28 4.57 -19.68
CA LEU A 330 3.08 4.03 -18.57
C LEU A 330 4.34 3.31 -19.00
N VAL A 331 4.35 2.71 -20.19
CA VAL A 331 5.50 1.85 -20.57
C VAL A 331 6.52 2.48 -21.50
N ASP A 332 7.73 1.94 -21.44
CA ASP A 332 8.85 2.48 -22.22
C ASP A 332 8.58 2.49 -23.72
N GLY A 333 8.79 3.67 -24.32
CA GLY A 333 8.56 3.84 -25.75
C GLY A 333 7.13 3.57 -26.19
N SER A 334 6.19 3.48 -25.23
CA SER A 334 4.80 3.14 -25.53
C SER A 334 4.72 1.82 -26.33
N GLU A 335 5.71 0.94 -26.12
CA GLU A 335 5.78 -0.34 -26.83
C GLU A 335 5.10 -1.46 -26.04
N PHE A 336 4.24 -2.21 -26.71
CA PHE A 336 3.48 -3.24 -26.03
C PHE A 336 3.26 -4.40 -26.98
N ASP A 337 3.76 -5.59 -26.62
CA ASP A 337 3.60 -6.77 -27.46
C ASP A 337 2.44 -7.56 -26.93
N GLU A 338 1.28 -7.40 -27.57
CA GLU A 338 0.04 -8.00 -27.07
C GLU A 338 -0.11 -9.48 -27.34
N PHE A 339 -0.59 -10.20 -26.34
CA PHE A 339 -0.81 -11.66 -26.39
C PHE A 339 -2.30 -11.96 -26.59
N LYS A 340 -2.64 -12.83 -27.54
CA LYS A 340 -4.04 -13.20 -27.82
C LYS A 340 -4.90 -11.93 -28.02
N ALA A 341 -4.39 -11.01 -28.83
CA ALA A 341 -5.11 -9.74 -29.01
C ALA A 341 -6.56 -9.89 -29.48
N LEU A 342 -6.85 -10.89 -30.31
CA LEU A 342 -8.22 -11.01 -30.87
C LEU A 342 -9.13 -12.01 -30.16
N PHE A 343 -8.68 -12.60 -29.06
CA PHE A 343 -9.43 -13.61 -28.30
C PHE A 343 -9.61 -13.09 -26.88
N GLY A 344 -10.77 -13.31 -26.25
CA GLY A 344 -10.96 -12.85 -24.87
C GLY A 344 -10.56 -11.39 -24.75
N THR A 345 -11.13 -10.57 -25.65
CA THR A 345 -10.72 -9.18 -25.79
C THR A 345 -11.07 -8.24 -24.65
N THR A 346 -11.83 -8.73 -23.67
CA THR A 346 -12.11 -7.88 -22.51
C THR A 346 -11.00 -7.96 -21.48
N LEU A 347 -9.92 -8.74 -21.74
CA LEU A 347 -8.78 -8.73 -20.81
C LEU A 347 -7.57 -8.52 -21.71
N VAL A 348 -6.90 -7.38 -21.56
CA VAL A 348 -5.74 -7.07 -22.42
C VAL A 348 -4.49 -7.55 -21.71
N CYS A 349 -3.72 -8.40 -22.39
CA CYS A 349 -2.49 -8.99 -21.83
C CYS A 349 -1.32 -8.74 -22.77
N GLY A 350 -0.15 -8.38 -22.23
CA GLY A 350 0.99 -8.23 -23.12
C GLY A 350 2.26 -7.88 -22.39
N PHE A 351 3.37 -7.94 -23.09
CA PHE A 351 4.68 -7.63 -22.52
C PHE A 351 5.17 -6.23 -22.84
N ALA A 352 5.94 -5.66 -21.91
CA ALA A 352 6.48 -4.32 -22.07
C ALA A 352 7.69 -4.18 -21.19
N HIS A 353 8.24 -2.97 -21.16
CA HIS A 353 9.31 -2.65 -20.20
C HIS A 353 8.90 -1.39 -19.50
N LEU A 354 9.30 -1.27 -18.24
CA LEU A 354 8.96 -0.07 -17.45
C LEU A 354 10.26 0.34 -16.77
N HIS A 355 10.77 1.50 -17.14
CA HIS A 355 12.09 1.99 -16.64
C HIS A 355 13.14 0.88 -16.84
N GLY A 356 13.06 0.25 -18.02
CA GLY A 356 14.01 -0.80 -18.40
C GLY A 356 13.70 -2.21 -17.89
N TYR A 357 12.79 -2.35 -16.93
CA TYR A 357 12.46 -3.69 -16.39
C TYR A 357 11.40 -4.38 -17.22
N PRO A 358 11.59 -5.66 -17.56
CA PRO A 358 10.56 -6.35 -18.34
C PRO A 358 9.34 -6.59 -17.42
N ILE A 359 8.14 -6.40 -17.97
CA ILE A 359 6.91 -6.64 -17.20
C ILE A 359 5.86 -7.28 -18.09
N ALA A 360 4.96 -8.00 -17.44
CA ALA A 360 3.86 -8.71 -18.10
C ALA A 360 2.58 -8.10 -17.52
N ILE A 361 1.80 -7.46 -18.38
CA ILE A 361 0.62 -6.73 -17.97
C ILE A 361 -0.70 -7.42 -18.25
N LEU A 362 -1.60 -7.41 -17.26
CA LEU A 362 -3.00 -7.86 -17.44
C LEU A 362 -3.87 -6.64 -17.09
N ALA A 363 -4.76 -6.23 -17.99
CA ALA A 363 -5.56 -5.01 -17.76
C ALA A 363 -7.00 -5.23 -18.20
N ASN A 364 -7.97 -4.95 -17.32
CA ASN A 364 -9.36 -5.13 -17.72
C ASN A 364 -9.75 -4.13 -18.82
N ASN A 365 -10.61 -4.64 -19.70
CA ASN A 365 -11.12 -3.88 -20.86
C ASN A 365 -12.55 -4.33 -21.13
N GLY A 366 -13.32 -4.49 -20.06
CA GLY A 366 -14.70 -4.93 -20.16
C GLY A 366 -15.02 -6.01 -19.13
N ILE A 367 -16.20 -6.63 -19.26
CA ILE A 367 -16.62 -7.66 -18.32
C ILE A 367 -15.82 -8.95 -18.55
N LEU A 368 -15.50 -9.67 -17.48
CA LEU A 368 -14.76 -10.90 -17.68
C LEU A 368 -15.66 -12.02 -18.29
N PHE A 369 -15.15 -12.65 -19.33
CA PHE A 369 -15.81 -13.77 -19.98
C PHE A 369 -14.88 -14.95 -19.69
N ALA A 370 -15.38 -16.16 -19.88
CA ALA A 370 -14.56 -17.36 -19.67
C ALA A 370 -13.27 -17.30 -20.52
N GLU A 371 -13.37 -16.87 -21.79
CA GLU A 371 -12.19 -16.81 -22.66
C GLU A 371 -11.15 -15.83 -22.13
N ALA A 372 -11.59 -14.73 -21.54
CA ALA A 372 -10.63 -13.77 -20.99
C ALA A 372 -9.89 -14.42 -19.82
N ALA A 373 -10.59 -15.16 -18.97
CA ALA A 373 -9.95 -15.82 -17.82
C ALA A 373 -8.97 -16.90 -18.29
N GLN A 374 -9.35 -17.67 -19.32
CA GLN A 374 -8.45 -18.69 -19.88
C GLN A 374 -7.17 -18.03 -20.38
N LYS A 375 -7.33 -16.97 -21.14
CA LYS A 375 -6.22 -16.20 -21.69
C LYS A 375 -5.30 -15.68 -20.58
N GLY A 376 -5.92 -15.10 -19.55
CA GLY A 376 -5.13 -14.55 -18.47
C GLY A 376 -4.31 -15.63 -17.75
N ALA A 377 -4.92 -16.81 -17.53
CA ALA A 377 -4.19 -17.90 -16.85
C ALA A 377 -2.99 -18.33 -17.72
N HIS A 378 -3.21 -18.48 -19.03
CA HIS A 378 -2.11 -18.87 -19.93
C HIS A 378 -1.01 -17.80 -19.91
N PHE A 379 -1.40 -16.52 -19.97
CA PHE A 379 -0.44 -15.44 -19.97
C PHE A 379 0.41 -15.50 -18.67
N ILE A 380 -0.25 -15.71 -17.52
CA ILE A 380 0.49 -15.80 -16.26
C ILE A 380 1.46 -16.99 -16.28
N GLU A 381 1.06 -18.10 -16.90
CA GLU A 381 1.99 -19.24 -17.01
C GLU A 381 3.24 -18.80 -17.77
N LEU A 382 3.09 -17.99 -18.83
CA LEU A 382 4.29 -17.53 -19.56
C LEU A 382 5.18 -16.65 -18.65
N ALA A 383 4.56 -15.72 -17.93
CA ALA A 383 5.37 -14.83 -17.11
C ALA A 383 6.10 -15.64 -16.02
N CYS A 384 5.41 -16.60 -15.40
CA CYS A 384 6.07 -17.40 -14.35
C CYS A 384 7.18 -18.28 -14.92
N GLN A 385 6.95 -18.86 -16.10
CA GLN A 385 8.00 -19.70 -16.73
C GLN A 385 9.28 -18.89 -16.95
N ARG A 386 9.11 -17.62 -17.30
CA ARG A 386 10.23 -16.74 -17.66
C ARG A 386 10.80 -15.85 -16.53
N GLY A 387 10.12 -15.86 -15.39
CA GLY A 387 10.57 -15.03 -14.28
C GLY A 387 10.30 -13.54 -14.48
N ILE A 388 9.21 -13.20 -15.16
CA ILE A 388 8.88 -11.78 -15.46
C ILE A 388 7.82 -11.24 -14.51
N PRO A 389 8.09 -10.08 -13.85
CA PRO A 389 7.10 -9.47 -12.92
C PRO A 389 5.77 -9.20 -13.62
N LEU A 390 4.70 -9.27 -12.84
CA LEU A 390 3.33 -9.08 -13.33
C LEU A 390 2.76 -7.76 -12.84
N LEU A 391 2.07 -7.07 -13.75
CA LEU A 391 1.39 -5.80 -13.41
C LEU A 391 -0.10 -5.99 -13.72
N PHE A 392 -0.95 -5.79 -12.72
CA PHE A 392 -2.41 -5.90 -12.89
C PHE A 392 -3.04 -4.51 -12.81
N LEU A 393 -3.77 -4.13 -13.87
CA LEU A 393 -4.47 -2.83 -13.90
C LEU A 393 -5.95 -3.19 -13.81
N GLN A 394 -6.52 -2.97 -12.63
CA GLN A 394 -7.91 -3.35 -12.36
C GLN A 394 -8.97 -2.32 -12.65
N ASN A 395 -9.96 -2.72 -13.44
CA ASN A 395 -11.18 -1.89 -13.67
C ASN A 395 -12.21 -2.97 -13.96
N ILE A 396 -12.72 -3.57 -12.90
CA ILE A 396 -13.54 -4.76 -13.11
C ILE A 396 -14.79 -4.76 -12.31
N THR A 397 -15.91 -4.97 -13.01
CA THR A 397 -17.22 -5.00 -12.37
C THR A 397 -17.78 -6.42 -12.13
N GLY A 398 -17.25 -7.39 -12.87
CA GLY A 398 -17.71 -8.75 -12.71
C GLY A 398 -17.56 -9.59 -13.97
N PHE A 399 -18.24 -10.74 -13.96
CA PHE A 399 -18.26 -11.73 -15.05
C PHE A 399 -19.60 -11.68 -15.82
N MET A 400 -19.64 -12.32 -16.98
CA MET A 400 -20.87 -12.39 -17.78
C MET A 400 -21.86 -13.30 -17.01
N VAL A 401 -23.17 -13.03 -17.10
CA VAL A 401 -24.15 -13.82 -16.35
C VAL A 401 -25.23 -14.49 -17.19
N GLY A 402 -25.82 -15.55 -16.65
CA GLY A 402 -26.86 -16.25 -17.39
C GLY A 402 -26.58 -17.74 -17.47
N GLN A 403 -27.63 -18.48 -17.78
CA GLN A 403 -27.56 -19.92 -17.88
C GLN A 403 -26.48 -20.42 -18.82
N LYS A 404 -26.34 -19.82 -20.00
CA LYS A 404 -25.35 -20.35 -20.93
C LYS A 404 -23.93 -20.13 -20.45
N TYR A 405 -23.71 -19.05 -19.71
CA TYR A 405 -22.35 -18.79 -19.20
C TYR A 405 -22.00 -19.74 -18.06
N GLU A 406 -22.95 -20.02 -17.17
CA GLU A 406 -22.67 -20.95 -16.08
C GLU A 406 -22.50 -22.37 -16.65
N ALA A 407 -23.32 -22.76 -17.63
CA ALA A 407 -23.21 -24.07 -18.24
C ALA A 407 -21.90 -24.20 -19.01
N GLY A 408 -21.40 -23.06 -19.49
CA GLY A 408 -20.15 -22.99 -20.22
C GLY A 408 -18.96 -23.02 -19.26
N GLY A 409 -19.26 -23.13 -17.98
CA GLY A 409 -18.20 -23.25 -16.99
C GLY A 409 -17.48 -22.01 -16.58
N ILE A 410 -18.14 -20.86 -16.61
CA ILE A 410 -17.42 -19.65 -16.25
C ILE A 410 -16.77 -19.72 -14.84
N ALA A 411 -17.38 -20.43 -13.89
CA ALA A 411 -16.79 -20.56 -12.57
C ALA A 411 -15.46 -21.31 -12.62
N LYS A 412 -15.35 -22.35 -13.43
CA LYS A 412 -14.06 -23.05 -13.50
C LYS A 412 -13.03 -22.34 -14.35
N HIS A 413 -13.45 -21.51 -15.30
CA HIS A 413 -12.50 -20.77 -16.09
C HIS A 413 -11.98 -19.60 -15.26
N GLY A 414 -12.88 -18.95 -14.51
CA GLY A 414 -12.41 -17.92 -13.58
C GLY A 414 -11.45 -18.56 -12.58
N ALA A 415 -11.73 -19.78 -12.15
CA ALA A 415 -10.87 -20.50 -11.19
C ALA A 415 -9.48 -20.67 -11.76
N LYS A 416 -9.34 -20.91 -13.07
CA LYS A 416 -7.98 -21.05 -13.64
C LYS A 416 -7.19 -19.75 -13.42
N LEU A 417 -7.82 -18.60 -13.68
CA LEU A 417 -7.16 -17.33 -13.49
C LEU A 417 -6.78 -17.12 -12.02
N VAL A 418 -7.73 -17.37 -11.10
CA VAL A 418 -7.42 -17.16 -9.68
C VAL A 418 -6.30 -18.09 -9.21
N THR A 419 -6.33 -19.35 -9.66
CA THR A 419 -5.26 -20.29 -9.26
C THR A 419 -3.91 -19.76 -9.77
N ALA A 420 -3.87 -19.25 -11.00
CA ALA A 420 -2.61 -18.77 -11.56
C ALA A 420 -2.11 -17.56 -10.79
N VAL A 421 -3.02 -16.63 -10.47
CA VAL A 421 -2.63 -15.44 -9.73
C VAL A 421 -2.12 -15.82 -8.32
N ALA A 422 -2.86 -16.72 -7.66
CA ALA A 422 -2.51 -17.11 -6.28
C ALA A 422 -1.16 -17.82 -6.19
N CYS A 423 -0.83 -18.63 -7.19
CA CYS A 423 0.41 -19.41 -7.11
C CYS A 423 1.61 -18.69 -7.69
N ALA A 424 1.37 -17.70 -8.57
CA ALA A 424 2.50 -17.00 -9.20
C ALA A 424 3.49 -16.45 -8.17
N ARG A 425 4.76 -16.82 -8.32
CA ARG A 425 5.80 -16.36 -7.37
C ARG A 425 6.66 -15.20 -7.83
N VAL A 426 6.51 -14.81 -9.09
CA VAL A 426 7.21 -13.60 -9.55
C VAL A 426 6.59 -12.40 -8.80
N PRO A 427 7.33 -11.30 -8.69
CA PRO A 427 6.79 -10.11 -8.03
C PRO A 427 5.53 -9.67 -8.81
N LYS A 428 4.46 -9.35 -8.08
CA LYS A 428 3.21 -8.88 -8.70
C LYS A 428 2.91 -7.49 -8.15
N PHE A 429 2.34 -6.62 -8.99
CA PHE A 429 1.98 -5.26 -8.56
C PHE A 429 0.58 -5.00 -9.08
N THR A 430 -0.24 -4.34 -8.26
CA THR A 430 -1.63 -4.08 -8.67
C THR A 430 -1.97 -2.61 -8.51
N VAL A 431 -2.61 -2.07 -9.54
CA VAL A 431 -3.09 -0.68 -9.50
C VAL A 431 -4.59 -0.70 -9.80
N LEU A 432 -5.39 -0.16 -8.88
CA LEU A 432 -6.83 -0.10 -9.12
C LEU A 432 -7.10 1.24 -9.86
N ILE A 433 -7.36 1.12 -11.16
CA ILE A 433 -7.58 2.30 -12.01
C ILE A 433 -9.05 2.57 -12.28
N GLY A 434 -9.93 1.75 -11.74
CA GLY A 434 -11.38 1.92 -11.92
C GLY A 434 -12.11 1.10 -10.87
N GLY A 435 -13.02 0.25 -11.30
CA GLY A 435 -13.75 -0.54 -10.34
C GLY A 435 -12.97 -1.76 -9.85
N SER A 436 -13.29 -2.23 -8.65
CA SER A 436 -12.69 -3.46 -8.10
C SER A 436 -13.86 -4.09 -7.37
N PHE A 437 -14.62 -4.92 -8.09
CA PHE A 437 -15.82 -5.50 -7.51
C PHE A 437 -15.96 -7.00 -7.61
N GLY A 438 -16.41 -7.58 -6.49
CA GLY A 438 -16.67 -9.00 -6.43
C GLY A 438 -15.51 -9.92 -6.76
N ALA A 439 -15.85 -11.09 -7.28
CA ALA A 439 -14.84 -12.11 -7.59
C ALA A 439 -13.83 -11.64 -8.59
N GLY A 440 -14.15 -10.62 -9.39
CA GLY A 440 -13.20 -10.07 -10.33
C GLY A 440 -11.95 -9.50 -9.66
N ASN A 441 -12.11 -9.00 -8.42
CA ASN A 441 -10.99 -8.49 -7.66
C ASN A 441 -9.93 -9.58 -7.46
N TYR A 442 -10.37 -10.81 -7.20
CA TYR A 442 -9.45 -11.93 -6.90
C TYR A 442 -8.62 -12.32 -8.11
N GLY A 443 -9.29 -12.47 -9.25
CA GLY A 443 -8.63 -12.82 -10.50
C GLY A 443 -7.67 -11.77 -11.03
N MET A 444 -7.84 -10.54 -10.54
CA MET A 444 -6.96 -9.44 -10.89
C MET A 444 -5.98 -9.03 -9.81
N CYS A 445 -5.68 -9.98 -8.93
CA CYS A 445 -4.69 -9.80 -7.90
C CYS A 445 -4.97 -8.71 -6.87
N GLY A 446 -6.15 -8.85 -6.24
CA GLY A 446 -6.52 -7.94 -5.14
C GLY A 446 -5.64 -8.21 -3.92
N ARG A 447 -5.99 -7.53 -2.83
CA ARG A 447 -5.16 -7.57 -1.61
C ARG A 447 -4.90 -8.95 -1.01
N ALA A 448 -5.85 -9.88 -1.18
CA ALA A 448 -5.66 -11.23 -0.60
C ALA A 448 -4.68 -12.07 -1.39
N TYR A 449 -4.19 -11.54 -2.52
CA TYR A 449 -3.29 -12.31 -3.38
C TYR A 449 -1.84 -11.85 -3.29
N ASP A 450 -1.57 -11.08 -2.25
CA ASP A 450 -0.22 -10.59 -1.99
C ASP A 450 0.63 -9.96 -3.08
N PRO A 451 0.07 -9.02 -3.85
CA PRO A 451 0.91 -8.34 -4.82
C PRO A 451 1.93 -7.62 -3.86
N ARG A 452 3.15 -7.39 -4.33
CA ARG A 452 4.15 -6.74 -3.46
C ARG A 452 3.61 -5.38 -2.97
N PHE A 453 2.93 -4.67 -3.86
CA PHE A 453 2.31 -3.39 -3.51
C PHE A 453 0.98 -3.33 -4.26
N LEU A 454 0.00 -2.63 -3.66
CA LEU A 454 -1.28 -2.41 -4.33
C LEU A 454 -1.61 -0.93 -4.12
N TRP A 455 -1.85 -0.20 -5.21
CA TRP A 455 -2.21 1.23 -5.10
C TRP A 455 -3.58 1.45 -5.73
N MET A 456 -4.20 2.57 -5.36
CA MET A 456 -5.54 2.88 -5.85
C MET A 456 -5.55 4.32 -6.42
N TRP A 457 -6.14 4.49 -7.60
CA TRP A 457 -6.28 5.84 -8.19
C TRP A 457 -7.46 6.54 -7.47
N PRO A 458 -7.48 7.87 -7.53
CA PRO A 458 -8.54 8.63 -6.84
C PRO A 458 -9.94 8.47 -7.32
N ASN A 459 -10.12 7.94 -8.54
CA ASN A 459 -11.44 7.72 -9.13
C ASN A 459 -11.93 6.31 -8.88
N ALA A 460 -11.06 5.43 -8.37
CA ALA A 460 -11.44 4.04 -8.20
C ALA A 460 -12.47 3.79 -7.10
N ARG A 461 -13.13 2.63 -7.18
CA ARG A 461 -14.08 2.22 -6.15
C ARG A 461 -13.95 0.71 -5.95
N ILE A 462 -14.21 0.27 -4.72
CA ILE A 462 -14.11 -1.17 -4.39
C ILE A 462 -15.29 -1.64 -3.57
N GLY A 463 -15.72 -2.89 -3.78
CA GLY A 463 -16.82 -3.41 -2.99
C GLY A 463 -17.18 -4.84 -3.37
N VAL A 464 -17.92 -5.53 -2.51
CA VAL A 464 -18.29 -6.90 -2.78
C VAL A 464 -19.15 -6.95 -4.04
N MET A 465 -19.86 -5.85 -4.29
CA MET A 465 -20.66 -5.64 -5.49
C MET A 465 -20.78 -4.12 -5.62
N GLY A 466 -21.24 -3.66 -6.79
CA GLY A 466 -21.42 -2.22 -7.00
C GLY A 466 -22.66 -1.75 -6.23
N GLY A 467 -22.63 -0.50 -5.80
CA GLY A 467 -23.75 0.05 -5.05
C GLY A 467 -25.06 -0.03 -5.82
N GLU A 468 -25.02 0.19 -7.13
CA GLU A 468 -26.26 0.13 -7.90
C GLU A 468 -26.87 -1.28 -7.90
N GLN A 469 -26.03 -2.33 -7.94
CA GLN A 469 -26.55 -3.70 -7.90
C GLN A 469 -27.15 -4.03 -6.52
N ALA A 470 -26.47 -3.60 -5.46
CA ALA A 470 -26.94 -3.87 -4.12
C ALA A 470 -28.28 -3.13 -3.90
N ALA A 471 -28.36 -1.91 -4.42
CA ALA A 471 -29.60 -1.09 -4.27
C ALA A 471 -30.76 -1.76 -5.03
N GLY A 472 -30.48 -2.24 -6.22
CA GLY A 472 -31.51 -2.92 -7.01
C GLY A 472 -32.15 -4.09 -6.26
N VAL A 473 -31.36 -4.82 -5.48
CA VAL A 473 -31.90 -5.96 -4.73
C VAL A 473 -32.87 -5.54 -3.64
N LEU A 474 -32.55 -4.49 -2.91
CA LEU A 474 -33.46 -4.05 -1.86
C LEU A 474 -34.75 -3.55 -2.53
N ALA A 475 -34.58 -2.90 -3.68
CA ALA A 475 -35.70 -2.35 -4.46
C ALA A 475 -36.51 -3.46 -5.16
N GLN A 476 -35.81 -4.26 -5.97
CA GLN A 476 -36.38 -5.38 -6.72
C GLN A 476 -37.23 -6.23 -5.78
N VAL A 477 -36.78 -6.30 -4.53
CA VAL A 477 -37.46 -7.07 -3.49
C VAL A 477 -38.64 -6.33 -2.86
N LYS A 478 -38.43 -5.05 -2.53
CA LYS A 478 -39.49 -4.24 -1.92
C LYS A 478 -40.68 -4.09 -2.85
N ARG A 479 -40.42 -4.23 -4.16
CA ARG A 479 -41.49 -4.13 -5.15
C ARG A 479 -42.38 -5.36 -5.03
N GLU A 480 -41.76 -6.51 -4.81
CA GLU A 480 -42.49 -7.77 -4.67
C GLU A 480 -43.37 -7.69 -3.43
N GLN A 481 -42.83 -7.14 -2.35
CA GLN A 481 -43.58 -6.99 -1.12
C GLN A 481 -44.77 -6.06 -1.33
N ALA A 482 -44.64 -5.14 -2.29
CA ALA A 482 -45.70 -4.20 -2.59
C ALA A 482 -46.73 -4.83 -3.53
N GLU A 483 -46.25 -5.52 -4.55
CA GLU A 483 -47.13 -6.16 -5.52
C GLU A 483 -47.93 -7.23 -4.80
N ARG A 484 -47.25 -7.99 -3.94
CA ARG A 484 -47.91 -9.05 -3.19
C ARG A 484 -48.83 -8.44 -2.17
N ALA A 485 -49.22 -7.19 -2.41
CA ALA A 485 -50.13 -6.46 -1.55
C ALA A 485 -51.01 -5.59 -2.42
N GLY A 486 -51.00 -5.88 -3.73
CA GLY A 486 -51.81 -5.13 -4.67
C GLY A 486 -51.40 -3.69 -4.84
N GLN A 487 -50.20 -3.35 -4.37
CA GLN A 487 -49.70 -1.99 -4.49
C GLN A 487 -48.46 -1.93 -5.37
N GLN A 488 -48.09 -0.71 -5.74
CA GLN A 488 -46.92 -0.51 -6.57
C GLN A 488 -46.04 0.55 -5.92
N LEU A 489 -44.74 0.39 -6.06
CA LEU A 489 -43.83 1.37 -5.47
C LEU A 489 -43.68 2.55 -6.44
N GLY A 490 -43.76 3.75 -5.89
CA GLY A 490 -43.60 4.93 -6.72
C GLY A 490 -42.14 5.20 -7.05
N VAL A 491 -41.89 6.21 -7.89
CA VAL A 491 -40.53 6.58 -8.29
C VAL A 491 -39.74 7.13 -7.11
N GLU A 492 -40.30 8.10 -6.38
CA GLU A 492 -39.59 8.64 -5.22
C GLU A 492 -39.51 7.62 -4.13
N GLU A 493 -40.53 6.77 -4.02
CA GLU A 493 -40.51 5.74 -2.99
C GLU A 493 -39.31 4.83 -3.22
N GLU A 494 -39.13 4.39 -4.46
CA GLU A 494 -37.98 3.52 -4.77
C GLU A 494 -36.66 4.24 -4.55
N ALA A 495 -36.59 5.51 -4.94
CA ALA A 495 -35.36 6.26 -4.73
C ALA A 495 -35.00 6.32 -3.26
N LYS A 496 -36.00 6.54 -2.41
CA LYS A 496 -35.75 6.60 -0.97
C LYS A 496 -35.32 5.24 -0.38
N ILE A 497 -35.86 4.16 -0.93
CA ILE A 497 -35.50 2.83 -0.45
C ILE A 497 -34.03 2.56 -0.79
N LYS A 498 -33.63 2.97 -1.98
CA LYS A 498 -32.25 2.73 -2.45
C LYS A 498 -31.19 3.61 -1.83
N ALA A 499 -31.60 4.79 -1.37
CA ALA A 499 -30.66 5.78 -0.83
C ALA A 499 -29.63 5.29 0.19
N PRO A 500 -30.06 4.66 1.29
CA PRO A 500 -29.03 4.22 2.24
C PRO A 500 -28.00 3.22 1.68
N ILE A 501 -28.43 2.34 0.78
CA ILE A 501 -27.51 1.36 0.18
C ILE A 501 -26.52 2.05 -0.74
N LEU A 502 -27.00 2.95 -1.60
CA LEU A 502 -26.10 3.67 -2.48
C LEU A 502 -25.08 4.41 -1.64
N GLU A 503 -25.54 4.99 -0.53
CA GLU A 503 -24.65 5.75 0.33
C GLU A 503 -23.62 4.84 0.99
N GLN A 504 -24.08 3.68 1.45
CA GLN A 504 -23.17 2.73 2.11
C GLN A 504 -22.03 2.36 1.17
N TYR A 505 -22.35 1.97 -0.06
CA TYR A 505 -21.29 1.54 -0.99
C TYR A 505 -20.37 2.66 -1.46
N GLU A 506 -20.90 3.89 -1.62
CA GLU A 506 -20.05 4.98 -2.01
C GLU A 506 -19.12 5.33 -0.82
N HIS A 507 -19.64 5.29 0.41
CA HIS A 507 -18.82 5.60 1.58
C HIS A 507 -17.75 4.52 1.81
N GLN A 508 -18.19 3.26 1.84
CA GLN A 508 -17.26 2.14 2.12
C GLN A 508 -16.34 1.83 0.95
N GLY A 509 -16.71 2.28 -0.26
CA GLY A 509 -15.89 1.98 -1.42
C GLY A 509 -14.95 3.07 -1.90
N HIS A 510 -14.96 4.21 -1.23
CA HIS A 510 -14.16 5.35 -1.63
C HIS A 510 -12.66 5.09 -1.34
N PRO A 511 -11.77 5.60 -2.20
CA PRO A 511 -10.32 5.40 -1.98
C PRO A 511 -9.89 5.82 -0.57
N TYR A 512 -10.48 6.88 -0.01
CA TYR A 512 -10.05 7.25 1.32
C TYR A 512 -10.41 6.22 2.38
N TYR A 513 -11.56 5.57 2.21
CA TYR A 513 -12.04 4.59 3.18
C TYR A 513 -11.12 3.35 3.11
N SER A 514 -10.82 2.94 1.88
CA SER A 514 -9.92 1.78 1.64
C SER A 514 -8.53 2.10 2.21
N SER A 515 -8.02 3.27 1.87
CA SER A 515 -6.65 3.63 2.25
C SER A 515 -6.49 3.86 3.74
N ALA A 516 -7.53 4.36 4.38
CA ALA A 516 -7.47 4.57 5.82
C ALA A 516 -7.26 3.23 6.53
N ARG A 517 -7.79 2.16 5.92
CA ARG A 517 -7.75 0.82 6.51
C ARG A 517 -6.64 -0.07 5.99
N LEU A 518 -5.81 0.49 5.12
CA LEU A 518 -4.68 -0.24 4.51
C LEU A 518 -5.11 -1.40 3.63
N TRP A 519 -6.26 -1.28 2.97
CA TRP A 519 -6.64 -2.30 1.97
C TRP A 519 -5.72 -2.05 0.76
N ASP A 520 -5.04 -0.91 0.75
CA ASP A 520 -4.08 -0.54 -0.31
C ASP A 520 -2.87 0.10 0.39
N ASP A 521 -1.76 0.30 -0.35
CA ASP A 521 -0.56 0.93 0.16
C ASP A 521 -0.50 2.40 -0.16
N GLY A 522 -1.59 2.93 -0.71
CA GLY A 522 -1.61 4.36 -1.01
C GLY A 522 -2.56 4.72 -2.14
N VAL A 523 -3.19 5.89 -2.01
CA VAL A 523 -4.00 6.44 -3.10
C VAL A 523 -3.01 7.38 -3.78
N ILE A 524 -2.89 7.26 -5.11
CA ILE A 524 -1.89 8.03 -5.81
C ILE A 524 -2.39 8.86 -6.98
N ASP A 525 -1.67 9.93 -7.25
CA ASP A 525 -1.90 10.77 -8.45
C ASP A 525 -1.63 9.82 -9.64
N PRO A 526 -2.58 9.64 -10.57
CA PRO A 526 -2.34 8.73 -11.69
C PRO A 526 -1.06 8.98 -12.46
N ALA A 527 -0.67 10.25 -12.58
CA ALA A 527 0.55 10.59 -13.30
C ALA A 527 1.84 10.13 -12.60
N GLN A 528 1.73 9.65 -11.36
CA GLN A 528 2.91 9.17 -10.64
C GLN A 528 2.98 7.65 -10.66
N THR A 529 2.07 6.99 -11.39
CA THR A 529 2.02 5.52 -11.41
C THR A 529 3.32 4.91 -11.91
N ARG A 530 3.84 5.43 -13.01
CA ARG A 530 5.10 4.87 -13.56
C ARG A 530 6.25 5.01 -12.58
N GLU A 531 6.36 6.16 -11.93
CA GLU A 531 7.46 6.38 -10.96
C GLU A 531 7.35 5.44 -9.77
N VAL A 532 6.15 5.30 -9.21
CA VAL A 532 5.94 4.41 -8.11
C VAL A 532 6.27 2.96 -8.49
N LEU A 533 5.84 2.54 -9.67
CA LEU A 533 6.11 1.15 -10.13
C LEU A 533 7.64 0.96 -10.32
N ALA A 534 8.33 1.97 -10.82
CA ALA A 534 9.79 1.82 -11.03
C ALA A 534 10.51 1.66 -9.68
N LEU A 535 10.10 2.43 -8.67
CA LEU A 535 10.72 2.31 -7.35
C LEU A 535 10.37 0.94 -6.75
N ALA A 536 9.14 0.47 -6.95
CA ALA A 536 8.69 -0.81 -6.37
C ALA A 536 9.39 -1.98 -7.03
N LEU A 537 9.58 -1.93 -8.35
CA LEU A 537 10.28 -3.00 -9.09
C LEU A 537 11.73 -3.09 -8.60
N SER A 538 12.40 -1.94 -8.47
CA SER A 538 13.77 -1.97 -7.97
C SER A 538 13.81 -2.56 -6.57
N ALA A 539 12.86 -2.14 -5.72
CA ALA A 539 12.85 -2.67 -4.34
C ALA A 539 12.69 -4.19 -4.33
N ALA A 540 11.76 -4.67 -5.15
CA ALA A 540 11.47 -6.10 -5.20
C ALA A 540 12.68 -6.93 -5.56
N LEU A 541 13.60 -6.35 -6.34
CA LEU A 541 14.79 -7.07 -6.76
C LEU A 541 15.88 -7.22 -5.70
N ASN A 542 15.61 -6.75 -4.48
CA ASN A 542 16.57 -7.08 -3.42
C ASN A 542 16.43 -8.58 -3.13
N ALA A 543 15.25 -9.15 -3.36
CA ALA A 543 15.00 -10.58 -3.13
C ALA A 543 15.15 -11.32 -4.46
N PRO A 544 15.43 -12.62 -4.39
CA PRO A 544 15.56 -13.39 -5.63
C PRO A 544 14.18 -13.60 -6.27
N ILE A 545 14.15 -13.76 -7.59
CA ILE A 545 12.90 -14.07 -8.35
C ILE A 545 12.78 -15.59 -8.15
N GLU A 546 11.66 -16.02 -7.60
CA GLU A 546 11.43 -17.45 -7.30
C GLU A 546 10.62 -18.18 -8.38
N PRO A 547 10.80 -19.51 -8.47
CA PRO A 547 10.04 -20.29 -9.46
C PRO A 547 8.64 -20.53 -8.89
N THR A 548 7.74 -20.88 -9.78
CA THR A 548 6.34 -21.05 -9.43
C THR A 548 5.87 -22.50 -9.52
N ALA A 549 5.08 -22.91 -8.53
CA ALA A 549 4.46 -24.23 -8.53
C ALA A 549 2.95 -24.01 -8.55
N PHE A 550 2.27 -24.44 -9.62
CA PHE A 550 0.82 -24.24 -9.65
C PHE A 550 0.07 -25.42 -9.00
N GLY A 551 -1.09 -25.10 -8.43
CA GLY A 551 -1.94 -26.13 -7.86
C GLY A 551 -2.72 -26.74 -9.03
N VAL A 552 -3.65 -27.61 -8.69
CA VAL A 552 -4.47 -28.26 -9.71
C VAL A 552 -5.31 -27.24 -10.47
N PHE A 553 -5.24 -27.26 -11.81
CA PHE A 553 -6.12 -26.42 -12.62
C PHE A 553 -7.35 -27.28 -12.95
N ARG A 554 -8.53 -26.72 -12.71
CA ARG A 554 -9.79 -27.41 -13.02
C ARG A 554 -10.06 -27.14 -14.49
N MET A 555 -9.82 -28.14 -15.32
CA MET A 555 -9.95 -27.95 -16.76
C MET A 555 -11.38 -27.84 -17.24
#